data_5YIV
#
_entry.id   5YIV
#
_cell.length_a   124.017
_cell.length_b   131.704
_cell.length_c   77.664
_cell.angle_alpha   90.00
_cell.angle_beta   90.00
_cell.angle_gamma   90.00
#
_symmetry.space_group_name_H-M   'C 2 2 2'
#
loop_
_entity.id
_entity.type
_entity.pdbx_description
1 polymer 'Cell cycle regulatory protein GcrA'
2 polymer "DNA (5'-D(*CP*CP*TP*GP*(6MA)P*TP*TP*CP*G)-3')"
3 polymer "DNA (5'-D(*CP*CP*GP*(6MA)P*AP*TP*CP*AP*G)-3')"
4 water water
#
loop_
_entity_poly.entity_id
_entity_poly.type
_entity_poly.pdbx_seq_one_letter_code
_entity_poly.pdbx_strand_id
1 'polypeptide(L)' GAMDMSWTDERVSTLKKLWLDGLSASQIAKQLGGVTRNAVIGKVHRLGL A,B,C,D
2 'polydeoxyribonucleotide' (DC)(DC)(DT)(DG)(6MA)(DT)(DT)(DC)(DG) E,G,I,K
3 'polydeoxyribonucleotide' (DC)(DC)(DG)(6MA)(DA)(DT)(DC)(DA)(DG) F,H,J,L
#
# COMPACT_ATOMS: atom_id res chain seq x y z
N MET A 5 13.53 -36.98 5.18
CA MET A 5 12.18 -37.14 5.73
C MET A 5 11.42 -35.82 5.79
N SER A 6 10.22 -35.81 5.23
CA SER A 6 9.40 -34.60 5.17
C SER A 6 7.93 -34.91 5.38
N TRP A 7 7.09 -33.89 5.38
CA TRP A 7 5.67 -34.06 5.64
C TRP A 7 4.85 -34.18 4.37
N THR A 8 4.93 -35.33 3.70
CA THR A 8 4.17 -35.57 2.48
C THR A 8 2.66 -35.55 2.75
N ASP A 9 1.88 -35.50 1.69
CA ASP A 9 0.42 -35.56 1.82
C ASP A 9 0.02 -36.86 2.49
N GLU A 10 0.76 -37.91 2.17
CA GLU A 10 0.52 -39.22 2.73
C GLU A 10 0.87 -39.29 4.21
N ARG A 11 2.04 -38.75 4.57
CA ARG A 11 2.48 -38.77 5.95
C ARG A 11 1.59 -37.90 6.83
N VAL A 12 1.07 -36.82 6.26
CA VAL A 12 0.11 -36.00 6.99
C VAL A 12 -1.22 -36.75 7.08
N SER A 13 -1.55 -37.49 6.03
CA SER A 13 -2.77 -38.30 6.02
C SER A 13 -2.70 -39.34 7.13
N THR A 14 -1.56 -40.01 7.23
CA THR A 14 -1.34 -40.98 8.29
C THR A 14 -1.45 -40.31 9.66
N LEU A 15 -0.83 -39.14 9.78
CA LEU A 15 -0.87 -38.40 11.03
C LEU A 15 -2.30 -38.04 11.42
N LYS A 16 -3.09 -37.64 10.43
CA LYS A 16 -4.48 -37.26 10.68
C LYS A 16 -5.24 -38.43 11.29
N LYS A 17 -5.14 -39.60 10.67
CA LYS A 17 -5.88 -40.77 11.11
C LYS A 17 -5.57 -41.15 12.55
N LEU A 18 -4.28 -41.25 12.85
CA LEU A 18 -3.84 -41.80 14.13
C LEU A 18 -4.10 -40.85 15.29
N TRP A 19 -3.92 -39.55 15.08
CA TRP A 19 -4.19 -38.57 16.12
C TRP A 19 -5.67 -38.57 16.49
N LEU A 20 -6.51 -38.78 15.48
CA LEU A 20 -7.95 -38.85 15.69
C LEU A 20 -8.33 -40.19 16.33
N ASP A 21 -7.54 -41.22 16.06
CA ASP A 21 -7.75 -42.53 16.66
C ASP A 21 -7.46 -42.52 18.15
N GLY A 22 -6.78 -41.48 18.61
CA GLY A 22 -6.54 -41.29 20.03
C GLY A 22 -5.23 -41.90 20.51
N LEU A 23 -4.29 -42.11 19.60
CA LEU A 23 -2.97 -42.63 19.97
C LEU A 23 -2.09 -41.52 20.53
N SER A 24 -1.24 -41.87 21.48
CA SER A 24 -0.31 -40.91 22.07
C SER A 24 0.69 -40.44 21.03
N ALA A 25 1.28 -39.28 21.26
CA ALA A 25 2.17 -38.67 20.29
C ALA A 25 3.42 -39.51 20.06
N SER A 26 3.83 -40.26 21.08
CA SER A 26 5.03 -41.07 20.98
C SER A 26 4.79 -42.32 20.15
N GLN A 27 3.59 -42.89 20.27
CA GLN A 27 3.21 -44.03 19.43
C GLN A 27 3.15 -43.60 17.97
N ILE A 28 2.57 -42.43 17.74
CA ILE A 28 2.45 -41.88 16.40
C ILE A 28 3.82 -41.65 15.77
N ALA A 29 4.71 -41.03 16.53
CA ALA A 29 6.07 -40.79 16.08
C ALA A 29 6.77 -42.10 15.73
N LYS A 30 6.44 -43.15 16.50
CA LYS A 30 7.06 -44.46 16.30
C LYS A 30 6.70 -45.05 14.94
N GLN A 31 5.42 -45.01 14.59
CA GLN A 31 4.95 -45.61 13.35
C GLN A 31 5.44 -44.85 12.12
N LEU A 32 5.30 -43.53 12.16
CA LEU A 32 5.77 -42.68 11.07
C LEU A 32 7.28 -42.85 10.85
N GLY A 33 8.05 -42.67 11.92
CA GLY A 33 9.48 -42.86 11.87
C GLY A 33 10.22 -41.65 11.34
N GLY A 34 11.43 -41.44 11.85
CA GLY A 34 12.25 -40.31 11.44
C GLY A 34 11.68 -38.99 11.92
N VAL A 35 11.03 -39.02 13.08
CA VAL A 35 10.36 -37.84 13.62
C VAL A 35 10.11 -38.01 15.11
N THR A 36 10.59 -37.06 15.91
CA THR A 36 10.38 -37.13 17.37
C THR A 36 8.95 -36.77 17.71
N ARG A 37 8.47 -37.22 18.87
CA ARG A 37 7.09 -36.95 19.28
C ARG A 37 6.84 -35.45 19.41
N ASN A 38 7.89 -34.68 19.63
CA ASN A 38 7.79 -33.23 19.67
C ASN A 38 7.28 -32.70 18.34
N ALA A 39 7.92 -33.11 17.26
CA ALA A 39 7.56 -32.68 15.91
C ALA A 39 6.12 -33.06 15.57
N VAL A 40 5.68 -34.20 16.08
CA VAL A 40 4.32 -34.67 15.85
C VAL A 40 3.30 -33.73 16.48
N ILE A 41 3.54 -33.37 17.73
CA ILE A 41 2.67 -32.45 18.43
C ILE A 41 2.70 -31.09 17.74
N GLY A 42 3.87 -30.71 17.24
CA GLY A 42 4.01 -29.48 16.49
C GLY A 42 3.13 -29.44 15.25
N LYS A 43 3.18 -30.50 14.46
CA LYS A 43 2.43 -30.55 13.21
C LYS A 43 0.93 -30.59 13.46
N VAL A 44 0.52 -31.38 14.45
CA VAL A 44 -0.90 -31.48 14.79
C VAL A 44 -1.46 -30.12 15.17
N HIS A 45 -0.71 -29.41 16.01
CA HIS A 45 -1.09 -28.08 16.47
C HIS A 45 -1.36 -27.13 15.30
N ARG A 46 -0.52 -27.19 14.27
CA ARG A 46 -0.66 -26.30 13.12
C ARG A 46 -1.86 -26.64 12.24
N LEU A 47 -2.17 -27.91 12.11
CA LEU A 47 -3.31 -28.34 11.31
C LEU A 47 -4.62 -28.22 12.08
N GLY A 48 -4.52 -27.96 13.38
CA GLY A 48 -5.69 -27.82 14.24
C GLY A 48 -6.51 -29.08 14.33
N LEU A 49 -5.84 -30.22 14.49
CA LEU A 49 -6.51 -31.51 14.54
C LEU A 49 -7.08 -31.80 15.93
N MET B 5 18.69 -4.43 23.69
CA MET B 5 18.06 -3.78 22.53
C MET B 5 16.86 -4.57 22.03
N SER B 6 15.78 -4.56 22.82
CA SER B 6 14.54 -5.24 22.43
C SER B 6 13.67 -4.31 21.60
N TRP B 7 12.47 -4.76 21.26
CA TRP B 7 11.54 -3.92 20.49
C TRP B 7 10.63 -3.10 21.41
N THR B 8 11.21 -2.07 22.00
CA THR B 8 10.51 -1.14 22.90
C THR B 8 9.39 -0.39 22.18
N ASP B 9 8.31 -0.13 22.90
CA ASP B 9 7.18 0.67 22.39
C ASP B 9 7.64 1.98 21.75
N GLU B 10 8.70 2.58 22.30
CA GLU B 10 9.26 3.80 21.73
C GLU B 10 10.07 3.48 20.48
N ARG B 11 10.79 2.36 20.52
CA ARG B 11 11.58 1.90 19.39
C ARG B 11 10.66 1.44 18.25
N VAL B 12 9.49 0.92 18.62
CA VAL B 12 8.51 0.51 17.63
C VAL B 12 7.80 1.73 17.07
N SER B 13 7.47 2.67 17.94
CA SER B 13 6.79 3.90 17.55
C SER B 13 7.58 4.64 16.47
N THR B 14 8.88 4.76 16.66
CA THR B 14 9.72 5.43 15.68
C THR B 14 9.85 4.61 14.41
N LEU B 15 9.80 3.29 14.56
CA LEU B 15 9.92 2.39 13.42
C LEU B 15 8.77 2.61 12.44
N LYS B 16 7.56 2.72 12.99
CA LYS B 16 6.37 2.94 12.18
C LYS B 16 6.39 4.35 11.62
N LYS B 17 7.00 5.26 12.37
CA LYS B 17 7.09 6.66 11.98
C LYS B 17 7.94 6.81 10.72
N LEU B 18 9.17 6.29 10.78
CA LEU B 18 10.14 6.44 9.69
C LEU B 18 9.73 5.65 8.45
N TRP B 19 9.11 4.49 8.66
CA TRP B 19 8.73 3.63 7.56
C TRP B 19 7.68 4.28 6.68
N LEU B 20 6.75 4.98 7.32
CA LEU B 20 5.71 5.69 6.57
C LEU B 20 6.31 6.88 5.83
N ASP B 21 7.38 7.44 6.37
CA ASP B 21 8.06 8.55 5.72
C ASP B 21 8.74 8.10 4.45
N GLY B 22 8.99 6.80 4.34
CA GLY B 22 9.58 6.23 3.15
C GLY B 22 11.07 5.99 3.28
N LEU B 23 11.56 6.01 4.52
CA LEU B 23 12.97 5.73 4.76
C LEU B 23 13.24 4.25 4.50
N SER B 24 14.42 3.95 3.97
CA SER B 24 14.82 2.58 3.71
C SER B 24 15.02 1.81 5.00
N ALA B 25 14.93 0.49 4.93
CA ALA B 25 15.10 -0.34 6.10
C ALA B 25 16.50 -0.21 6.65
N SER B 26 17.46 0.00 5.76
CA SER B 26 18.85 0.15 6.17
CA SER B 26 18.86 0.15 6.15
C SER B 26 19.07 1.52 6.82
N GLN B 27 18.30 2.51 6.38
CA GLN B 27 18.35 3.84 6.98
C GLN B 27 17.86 3.78 8.42
N ILE B 28 16.70 3.16 8.60
CA ILE B 28 16.09 3.00 9.92
C ILE B 28 17.00 2.23 10.87
N ALA B 29 17.64 1.19 10.34
CA ALA B 29 18.54 0.36 11.14
C ALA B 29 19.70 1.18 11.70
N LYS B 30 20.10 2.23 10.98
CA LYS B 30 21.10 3.17 11.49
C LYS B 30 20.56 3.86 12.73
N GLN B 31 19.44 4.56 12.53
CA GLN B 31 18.87 5.45 13.53
C GLN B 31 18.52 4.75 14.84
N LEU B 32 17.93 3.56 14.74
CA LEU B 32 17.56 2.81 15.93
C LEU B 32 18.79 2.23 16.63
N GLY B 33 19.56 1.43 15.91
CA GLY B 33 20.78 0.85 16.46
C GLY B 33 20.57 -0.49 17.14
N GLY B 34 21.60 -1.34 17.09
CA GLY B 34 21.55 -2.66 17.68
C GLY B 34 20.57 -3.57 16.98
N VAL B 35 20.35 -3.32 15.70
CA VAL B 35 19.33 -4.02 14.94
C VAL B 35 19.77 -4.18 13.48
N THR B 36 19.41 -5.30 12.88
CA THR B 36 19.81 -5.59 11.50
C THR B 36 18.80 -5.03 10.51
N ARG B 37 19.22 -4.84 9.27
CA ARG B 37 18.30 -4.53 8.19
C ARG B 37 17.23 -5.60 8.14
N ASN B 38 17.66 -6.87 8.18
CA ASN B 38 16.75 -7.99 8.24
C ASN B 38 15.78 -7.90 9.41
N ALA B 39 16.31 -7.58 10.59
CA ALA B 39 15.49 -7.49 11.79
C ALA B 39 14.46 -6.38 11.67
N VAL B 40 14.82 -5.33 10.94
CA VAL B 40 13.90 -4.23 10.71
C VAL B 40 12.73 -4.68 9.85
N ILE B 41 13.03 -5.25 8.69
CA ILE B 41 12.00 -5.73 7.76
CA ILE B 41 11.97 -5.69 7.78
C ILE B 41 11.20 -6.86 8.39
N GLY B 42 11.83 -7.60 9.29
CA GLY B 42 11.15 -8.67 9.99
C GLY B 42 10.03 -8.11 10.84
N LYS B 43 10.36 -7.06 11.59
CA LYS B 43 9.38 -6.44 12.47
C LYS B 43 8.27 -5.80 11.65
N VAL B 44 8.66 -5.13 10.56
CA VAL B 44 7.71 -4.48 9.67
C VAL B 44 6.67 -5.47 9.13
N HIS B 45 7.13 -6.67 8.80
CA HIS B 45 6.26 -7.68 8.23
C HIS B 45 5.29 -8.26 9.26
N ARG B 46 5.70 -8.21 10.53
CA ARG B 46 4.87 -8.75 11.60
C ARG B 46 3.99 -7.68 12.24
N LEU B 47 4.10 -6.45 11.75
CA LEU B 47 3.26 -5.35 12.25
C LEU B 47 2.17 -5.01 11.25
N GLY B 48 2.28 -5.59 10.06
CA GLY B 48 1.27 -5.39 9.04
C GLY B 48 1.45 -4.14 8.20
N LEU B 49 2.63 -3.54 8.28
CA LEU B 49 2.94 -2.38 7.47
C LEU B 49 3.17 -2.77 6.01
N MET C 5 0.55 6.35 2.53
CA MET C 5 -0.85 6.71 2.41
C MET C 5 -1.03 8.04 1.69
N SER C 6 -0.87 9.14 2.41
CA SER C 6 -0.97 10.47 1.83
C SER C 6 0.40 11.00 1.44
N TRP C 7 0.41 12.09 0.67
CA TRP C 7 1.66 12.69 0.24
C TRP C 7 2.24 13.64 1.30
N THR C 8 2.54 13.08 2.47
CA THR C 8 3.07 13.86 3.58
C THR C 8 4.38 14.53 3.19
N ASP C 9 4.73 15.60 3.90
CA ASP C 9 5.90 16.40 3.56
C ASP C 9 7.21 15.63 3.71
N GLU C 10 7.24 14.67 4.63
CA GLU C 10 8.43 13.86 4.80
C GLU C 10 8.60 12.91 3.63
N ARG C 11 7.47 12.47 3.07
CA ARG C 11 7.49 11.54 1.95
C ARG C 11 7.92 12.23 0.65
N VAL C 12 7.62 13.52 0.53
CA VAL C 12 7.95 14.24 -0.69
C VAL C 12 9.44 14.56 -0.74
N SER C 13 10.01 14.91 0.41
CA SER C 13 11.44 15.14 0.49
C SER C 13 12.18 13.85 0.17
N THR C 14 11.60 12.73 0.60
CA THR C 14 12.13 11.42 0.29
C THR C 14 12.08 11.15 -1.21
N LEU C 15 10.93 11.46 -1.83
CA LEU C 15 10.76 11.24 -3.25
C LEU C 15 11.78 12.02 -4.06
N LYS C 16 11.96 13.29 -3.71
CA LYS C 16 12.93 14.16 -4.38
C LYS C 16 14.31 13.52 -4.37
N LYS C 17 14.70 13.00 -3.22
CA LYS C 17 16.01 12.41 -3.04
C LYS C 17 16.23 11.24 -4.01
N LEU C 18 15.22 10.38 -4.13
CA LEU C 18 15.32 9.18 -4.95
C LEU C 18 15.33 9.49 -6.44
N TRP C 19 14.43 10.36 -6.86
CA TRP C 19 14.28 10.71 -8.28
C TRP C 19 15.58 11.28 -8.84
N LEU C 20 16.28 12.04 -8.02
CA LEU C 20 17.53 12.66 -8.43
C LEU C 20 18.70 11.69 -8.31
N ASP C 21 18.57 10.69 -7.45
CA ASP C 21 19.60 9.67 -7.30
C ASP C 21 19.58 8.71 -8.49
N GLY C 22 18.56 8.84 -9.33
CA GLY C 22 18.49 8.09 -10.57
C GLY C 22 17.47 6.98 -10.62
N LEU C 23 17.03 6.51 -9.46
CA LEU C 23 16.15 5.34 -9.37
C LEU C 23 14.87 5.47 -10.20
N SER C 24 14.34 4.33 -10.63
CA SER C 24 13.18 4.29 -11.51
C SER C 24 11.86 4.33 -10.74
N ALA C 25 10.77 4.50 -11.47
CA ALA C 25 9.45 4.63 -10.88
C ALA C 25 9.12 3.45 -9.95
N SER C 26 9.28 2.24 -10.47
CA SER C 26 8.91 1.03 -9.72
C SER C 26 9.81 0.82 -8.50
N GLN C 27 11.10 1.11 -8.64
CA GLN C 27 12.02 0.97 -7.52
C GLN C 27 11.71 1.99 -6.43
N ILE C 28 11.27 3.18 -6.84
CA ILE C 28 10.90 4.23 -5.90
C ILE C 28 9.65 3.83 -5.11
N ALA C 29 8.66 3.28 -5.82
CA ALA C 29 7.41 2.87 -5.20
C ALA C 29 7.58 1.71 -4.23
N LYS C 30 8.68 0.98 -4.33
CA LYS C 30 8.91 -0.13 -3.42
C LYS C 30 9.37 0.39 -2.06
N GLN C 31 10.02 1.55 -2.07
CA GLN C 31 10.55 2.12 -0.84
C GLN C 31 9.48 2.87 -0.06
N LEU C 32 8.59 3.55 -0.77
CA LEU C 32 7.44 4.19 -0.16
C LEU C 32 6.22 3.30 -0.36
N GLY C 33 5.73 2.70 0.72
CA GLY C 33 4.59 1.80 0.62
C GLY C 33 3.33 2.42 0.05
N GLY C 34 2.44 1.57 -0.45
CA GLY C 34 1.11 1.97 -0.85
C GLY C 34 1.00 2.90 -2.04
N VAL C 35 1.94 2.83 -2.97
CA VAL C 35 1.87 3.64 -4.18
C VAL C 35 2.34 2.85 -5.39
N THR C 36 1.66 3.02 -6.51
CA THR C 36 2.06 2.41 -7.77
C THR C 36 3.20 3.24 -8.36
N ARG C 37 3.68 2.84 -9.54
CA ARG C 37 4.69 3.63 -10.22
C ARG C 37 4.04 4.83 -10.90
N ASN C 38 2.80 4.66 -11.34
CA ASN C 38 2.03 5.75 -11.94
C ASN C 38 1.90 6.93 -11.00
N ALA C 39 1.53 6.64 -9.75
CA ALA C 39 1.37 7.67 -8.74
C ALA C 39 2.69 8.39 -8.51
N VAL C 40 3.79 7.66 -8.65
CA VAL C 40 5.11 8.26 -8.51
C VAL C 40 5.40 9.22 -9.65
N ILE C 41 5.33 8.73 -10.88
CA ILE C 41 5.59 9.59 -12.04
C ILE C 41 4.53 10.68 -12.15
N GLY C 42 3.33 10.40 -11.66
CA GLY C 42 2.24 11.36 -11.70
C GLY C 42 2.54 12.57 -10.86
N LYS C 43 3.24 12.34 -9.75
CA LYS C 43 3.56 13.42 -8.81
C LYS C 43 4.77 14.22 -9.28
N VAL C 44 5.81 13.53 -9.74
CA VAL C 44 7.01 14.21 -10.22
C VAL C 44 6.67 15.04 -11.45
N HIS C 45 5.60 14.64 -12.14
CA HIS C 45 5.05 15.45 -13.21
C HIS C 45 4.54 16.78 -12.65
N ARG C 46 3.88 16.70 -11.49
CA ARG C 46 3.26 17.87 -10.88
C ARG C 46 4.25 18.77 -10.13
N LEU C 47 5.43 18.24 -9.83
CA LEU C 47 6.42 18.99 -9.07
C LEU C 47 7.60 19.43 -9.93
N GLY C 48 7.44 19.33 -11.25
CA GLY C 48 8.49 19.73 -12.17
C GLY C 48 9.52 18.64 -12.39
N LEU C 49 10.28 18.33 -11.34
CA LEU C 49 11.28 17.27 -11.42
C LEU C 49 11.62 16.75 -10.03
N MET D 5 -24.46 18.92 -26.61
CA MET D 5 -23.88 17.64 -26.19
C MET D 5 -22.38 17.74 -26.01
N SER D 6 -21.77 18.75 -26.60
CA SER D 6 -20.32 18.92 -26.57
C SER D 6 -19.94 20.36 -26.21
N TRP D 7 -18.64 20.63 -26.19
CA TRP D 7 -18.16 21.99 -25.99
C TRP D 7 -17.66 22.60 -27.31
N THR D 8 -18.58 22.80 -28.25
CA THR D 8 -18.24 23.44 -29.51
C THR D 8 -18.00 24.93 -29.29
N ASP D 9 -17.42 25.59 -30.29
CA ASP D 9 -17.08 27.00 -30.16
C ASP D 9 -18.32 27.88 -30.31
N GLU D 10 -19.44 27.28 -30.67
CA GLU D 10 -20.70 28.01 -30.73
C GLU D 10 -21.41 27.95 -29.40
N ARG D 11 -21.33 26.79 -28.74
CA ARG D 11 -21.88 26.65 -27.40
C ARG D 11 -21.01 27.39 -26.39
N VAL D 12 -19.70 27.42 -26.63
CA VAL D 12 -18.78 28.19 -25.81
C VAL D 12 -19.07 29.67 -26.01
N SER D 13 -19.35 30.05 -27.25
CA SER D 13 -19.72 31.43 -27.55
C SER D 13 -21.00 31.81 -26.82
N THR D 14 -21.99 30.92 -26.89
CA THR D 14 -23.26 31.15 -26.22
C THR D 14 -23.06 31.31 -24.72
N LEU D 15 -22.07 30.61 -24.18
CA LEU D 15 -21.80 30.63 -22.75
C LEU D 15 -21.19 31.95 -22.31
N LYS D 16 -20.14 32.38 -23.01
CA LYS D 16 -19.46 33.62 -22.68
C LYS D 16 -20.43 34.78 -22.67
N LYS D 17 -21.31 34.79 -23.67
CA LYS D 17 -22.33 35.82 -23.81
C LYS D 17 -23.23 35.90 -22.57
N LEU D 18 -23.98 34.82 -22.34
CA LEU D 18 -24.99 34.79 -21.28
C LEU D 18 -24.41 34.98 -19.88
N TRP D 19 -23.14 34.61 -19.71
CA TRP D 19 -22.49 34.74 -18.42
C TRP D 19 -22.27 36.21 -18.10
N LEU D 20 -21.87 36.97 -19.12
CA LEU D 20 -21.59 38.38 -18.96
C LEU D 20 -22.90 39.16 -18.79
N ASP D 21 -23.95 38.68 -19.43
CA ASP D 21 -25.26 39.32 -19.33
C ASP D 21 -25.84 39.16 -17.94
N GLY D 22 -25.20 38.33 -17.13
CA GLY D 22 -25.59 38.18 -15.73
C GLY D 22 -26.56 37.04 -15.50
N LEU D 23 -26.80 36.23 -16.52
CA LEU D 23 -27.67 35.08 -16.38
C LEU D 23 -27.00 34.04 -15.49
N SER D 24 -27.78 33.41 -14.63
CA SER D 24 -27.24 32.44 -13.68
C SER D 24 -26.82 31.15 -14.37
N ALA D 25 -26.10 30.31 -13.63
CA ALA D 25 -25.54 29.09 -14.20
C ALA D 25 -26.61 28.07 -14.54
N SER D 26 -27.68 28.03 -13.76
CA SER D 26 -28.78 27.11 -14.02
CA SER D 26 -28.78 27.11 -14.02
C SER D 26 -29.60 27.59 -15.21
N GLN D 27 -29.69 28.91 -15.36
CA GLN D 27 -30.40 29.53 -16.47
C GLN D 27 -29.72 29.19 -17.79
N ILE D 28 -28.40 29.30 -17.80
CA ILE D 28 -27.62 29.01 -19.00
C ILE D 28 -27.72 27.54 -19.39
N ALA D 29 -27.67 26.66 -18.39
CA ALA D 29 -27.77 25.22 -18.63
C ALA D 29 -29.14 24.88 -19.21
N LYS D 30 -30.16 25.61 -18.77
CA LYS D 30 -31.52 25.42 -19.26
C LYS D 30 -31.60 25.77 -20.75
N GLN D 31 -31.02 26.91 -21.11
CA GLN D 31 -31.04 27.38 -22.48
C GLN D 31 -30.11 26.55 -23.36
N LEU D 32 -29.03 26.07 -22.78
CA LEU D 32 -28.17 25.10 -23.46
C LEU D 32 -28.76 23.70 -23.28
N GLY D 33 -27.96 22.68 -23.55
CA GLY D 33 -28.43 21.31 -23.38
C GLY D 33 -27.33 20.34 -23.04
N GLY D 34 -27.72 19.18 -22.50
CA GLY D 34 -26.78 18.12 -22.18
C GLY D 34 -25.75 18.52 -21.15
N VAL D 35 -26.06 19.54 -20.37
CA VAL D 35 -25.16 20.01 -19.32
C VAL D 35 -25.92 20.40 -18.06
N THR D 36 -25.33 20.11 -16.90
CA THR D 36 -25.83 20.60 -15.64
C THR D 36 -25.04 21.87 -15.30
N ARG D 37 -25.58 22.70 -14.42
CA ARG D 37 -24.94 23.98 -14.13
C ARG D 37 -23.55 23.80 -13.53
N ASN D 38 -23.29 22.61 -13.01
CA ASN D 38 -21.95 22.25 -12.56
C ASN D 38 -20.97 22.29 -13.73
N ALA D 39 -21.37 21.68 -14.83
CA ALA D 39 -20.55 21.66 -16.04
C ALA D 39 -20.28 23.09 -16.49
N VAL D 40 -21.32 23.90 -16.45
CA VAL D 40 -21.22 25.30 -16.83
C VAL D 40 -20.19 26.01 -15.98
N ILE D 41 -20.40 25.98 -14.67
CA ILE D 41 -19.49 26.60 -13.72
C ILE D 41 -18.07 26.07 -13.87
N GLY D 42 -17.97 24.76 -14.08
CA GLY D 42 -16.70 24.14 -14.34
C GLY D 42 -16.06 24.73 -15.57
N LYS D 43 -16.85 24.84 -16.64
CA LYS D 43 -16.38 25.41 -17.89
C LYS D 43 -15.97 26.86 -17.68
N VAL D 44 -16.86 27.64 -17.08
CA VAL D 44 -16.63 29.05 -16.80
C VAL D 44 -15.33 29.27 -16.02
N HIS D 45 -15.07 28.39 -15.06
CA HIS D 45 -13.85 28.46 -14.29
C HIS D 45 -12.63 28.12 -15.14
N ARG D 46 -12.80 27.16 -16.04
CA ARG D 46 -11.69 26.68 -16.86
C ARG D 46 -11.33 27.70 -17.94
N LEU D 47 -12.29 28.51 -18.35
CA LEU D 47 -12.04 29.53 -19.36
C LEU D 47 -11.29 30.72 -18.78
N GLY D 48 -11.36 30.87 -17.46
CA GLY D 48 -10.64 31.94 -16.78
C GLY D 48 -11.42 33.24 -16.68
N LEU D 49 -12.72 33.13 -16.40
CA LEU D 49 -13.56 34.32 -16.27
C LEU D 49 -13.80 34.66 -14.80
#